data_4WA0
#
_entry.id   4WA0
#
_cell.length_a   61.507
_cell.length_b   75.290
_cell.length_c   77.446
_cell.angle_alpha   90.00
_cell.angle_beta   90.00
_cell.angle_gamma   90.00
#
_symmetry.space_group_name_H-M   'P 21 21 21'
#
loop_
_entity.id
_entity.type
_entity.pdbx_description
1 polymer 'possible adhesin'
2 non-polymer 'MAGNESIUM ION'
3 water water
#
_entity_poly.entity_id   1
_entity_poly.type   'polypeptide(L)'
_entity_poly.pdbx_seq_one_letter_code
;TSVPSSPLDYAIFSKGALNTNKNLTVENGSVYSGGDLTIDGGAVFNIDNLISKGE(MSE)VINQDSDSRCRDNNIVVRNI
IYVEKSLKANRISPRSTNIDAKTIYVGQE(MSE)QLYGAGSYKFVQLFSDSNVKLAGPGVN(MSE)EVSTLASIRGTLEV
IDGATVTLKSNSAVYCNSLVVRNGSRLILENGAKLYLATTPDASTIISIQNNGGTISYSSSFSYPSPPAEIDEIRNRDYT
SGLLTTPLPADSVGSNQLGSTADTSQTPPQIVIYGESYINDNEARIEISARLGSPIVDFSTLQLHLISRGNITFVGGGLT
I(MSE)NGSIISLGSTFNINATGNPYAGLTLKYQ(MSE)PSPPIQQDIESNTGIQPSQ
;
_entity_poly.pdbx_strand_id   A
#
# COMPACT_ATOMS: atom_id res chain seq x y z
N THR A 1 0.71 -0.58 15.90
CA THR A 1 0.90 -1.96 15.30
C THR A 1 -0.46 -2.67 14.94
N SER A 2 -1.56 -2.25 15.59
CA SER A 2 -2.91 -2.77 15.27
C SER A 2 -3.38 -2.42 13.85
N VAL A 3 -3.91 -3.43 13.16
CA VAL A 3 -4.45 -3.23 11.79
C VAL A 3 -5.98 -3.30 11.83
N PRO A 4 -6.68 -2.23 11.39
CA PRO A 4 -8.14 -2.15 11.45
C PRO A 4 -8.93 -3.25 10.70
N SER A 5 -9.98 -3.74 11.33
CA SER A 5 -10.72 -4.93 10.88
C SER A 5 -11.88 -4.59 9.94
N SER A 6 -12.32 -3.33 9.96
CA SER A 6 -13.53 -2.92 9.27
C SER A 6 -13.20 -2.14 8.01
N PRO A 7 -13.93 -2.40 6.92
CA PRO A 7 -13.77 -1.60 5.72
C PRO A 7 -13.99 -0.09 5.97
N LEU A 8 -14.72 0.30 7.03
CA LEU A 8 -14.90 1.73 7.28
C LEU A 8 -13.63 2.50 7.74
N ASP A 9 -12.59 1.79 8.11
CA ASP A 9 -11.29 2.39 8.56
C ASP A 9 -10.37 2.70 7.44
N TYR A 10 -10.87 2.36 6.24
CA TYR A 10 -10.01 2.41 5.10
C TYR A 10 -10.32 3.64 4.27
N ALA A 11 -9.27 4.32 3.83
CA ALA A 11 -9.42 5.38 2.85
C ALA A 11 -9.92 4.76 1.53
N ILE A 12 -9.30 3.63 1.18
CA ILE A 12 -9.68 2.86 -0.01
C ILE A 12 -9.70 1.38 0.40
N PHE A 13 -10.88 0.76 0.29
CA PHE A 13 -11.04 -0.67 0.55
C PHE A 13 -11.52 -1.34 -0.74
N SER A 14 -10.81 -2.35 -1.23
CA SER A 14 -11.24 -3.10 -2.39
C SER A 14 -11.33 -4.59 -2.07
N LYS A 15 -12.52 -5.14 -2.25
CA LYS A 15 -12.74 -6.60 -1.96
C LYS A 15 -11.81 -7.45 -2.81
N GLY A 16 -11.69 -7.13 -4.10
CA GLY A 16 -10.92 -7.84 -5.07
C GLY A 16 -9.73 -6.97 -5.51
N ALA A 17 -9.17 -7.28 -6.66
CA ALA A 17 -8.07 -6.55 -7.24
C ALA A 17 -8.33 -5.02 -7.33
N LEU A 18 -7.29 -4.25 -7.06
CA LEU A 18 -7.39 -2.77 -7.05
C LEU A 18 -6.35 -2.23 -8.03
N ASN A 19 -6.81 -1.43 -9.00
CA ASN A 19 -5.95 -0.67 -9.87
C ASN A 19 -6.16 0.81 -9.62
N THR A 20 -5.19 1.50 -9.02
CA THR A 20 -5.29 2.93 -8.79
C THR A 20 -5.14 3.77 -10.07
N ASN A 21 -5.54 5.04 -9.94
CA ASN A 21 -5.34 5.97 -10.98
C ASN A 21 -3.96 6.64 -10.82
N LYS A 22 -3.49 7.31 -11.88
CA LYS A 22 -2.27 8.14 -11.74
C LYS A 22 -2.45 9.39 -10.89
N ASN A 23 -1.39 9.81 -10.24
CA ASN A 23 -1.43 11.06 -9.43
C ASN A 23 -2.48 10.99 -8.30
N LEU A 24 -2.51 9.86 -7.64
CA LEU A 24 -3.38 9.63 -6.50
C LEU A 24 -2.65 10.07 -5.26
N THR A 25 -3.28 10.96 -4.45
CA THR A 25 -2.76 11.41 -3.18
C THR A 25 -3.69 10.95 -2.09
N VAL A 26 -3.17 10.24 -1.11
CA VAL A 26 -4.03 9.71 -0.01
C VAL A 26 -3.40 10.12 1.31
N GLU A 27 -4.21 10.75 2.16
CA GLU A 27 -3.79 11.19 3.47
C GLU A 27 -4.65 10.56 4.50
N ASN A 28 -4.02 9.82 5.42
CA ASN A 28 -4.65 9.12 6.50
C ASN A 28 -5.49 7.92 6.10
N GLY A 29 -5.95 7.18 7.10
CA GLY A 29 -6.56 5.89 6.89
C GLY A 29 -5.62 4.80 6.43
N SER A 30 -6.20 3.74 5.92
CA SER A 30 -5.44 2.60 5.36
C SER A 30 -5.95 2.27 3.95
N VAL A 31 -5.20 1.47 3.22
CA VAL A 31 -5.60 1.05 1.88
C VAL A 31 -5.50 -0.51 1.89
N TYR A 32 -6.54 -1.16 1.34
CA TYR A 32 -6.62 -2.59 1.27
C TYR A 32 -7.13 -3.12 -0.04
N SER A 33 -6.45 -4.15 -0.56
CA SER A 33 -6.95 -4.89 -1.74
C SER A 33 -6.97 -6.37 -1.41
N GLY A 34 -8.11 -7.01 -1.61
CA GLY A 34 -8.24 -8.48 -1.41
C GLY A 34 -7.65 -9.30 -2.57
N GLY A 35 -7.27 -8.64 -3.65
CA GLY A 35 -6.53 -9.28 -4.73
C GLY A 35 -5.30 -8.52 -5.09
N ASP A 36 -4.88 -8.65 -6.35
CA ASP A 36 -3.69 -7.93 -6.78
C ASP A 36 -3.87 -6.40 -6.71
N LEU A 37 -2.89 -5.74 -6.10
N LEU A 37 -2.88 -5.72 -6.13
CA LEU A 37 -2.84 -4.27 -6.01
CA LEU A 37 -2.88 -4.25 -5.96
C LEU A 37 -1.84 -3.69 -7.02
C LEU A 37 -1.84 -3.58 -6.88
N THR A 38 -2.32 -2.83 -7.90
CA THR A 38 -1.52 -2.18 -8.88
C THR A 38 -1.64 -0.69 -8.67
N ILE A 39 -0.51 -0.15 -8.25
CA ILE A 39 -0.39 1.29 -7.95
C ILE A 39 0.19 1.98 -9.17
N ASP A 40 -0.64 2.83 -9.77
CA ASP A 40 -0.16 3.56 -10.96
C ASP A 40 0.72 4.74 -10.56
N GLY A 41 1.44 5.23 -11.57
CA GLY A 41 2.47 6.25 -11.30
C GLY A 41 2.00 7.50 -10.60
N GLY A 42 2.88 8.05 -9.78
CA GLY A 42 2.59 9.25 -9.09
C GLY A 42 1.78 9.14 -7.81
N ALA A 43 1.80 8.00 -7.20
CA ALA A 43 1.15 7.75 -5.90
C ALA A 43 1.92 8.48 -4.81
N VAL A 44 1.19 9.28 -4.04
CA VAL A 44 1.73 9.93 -2.85
C VAL A 44 0.81 9.61 -1.67
N PHE A 45 1.27 8.73 -0.79
CA PHE A 45 0.46 8.26 0.33
C PHE A 45 1.13 8.65 1.64
N ASN A 46 0.30 9.00 2.61
CA ASN A 46 0.72 9.06 4.00
C ASN A 46 -0.39 8.35 4.78
N ILE A 47 -0.24 7.02 4.95
CA ILE A 47 -1.27 6.16 5.48
C ILE A 47 -0.79 5.26 6.55
N ASP A 48 -1.72 4.60 7.23
CA ASP A 48 -1.35 3.72 8.31
C ASP A 48 -0.97 2.35 7.85
N ASN A 49 -1.74 1.73 6.97
CA ASN A 49 -1.39 0.40 6.53
C ASN A 49 -1.70 0.32 5.03
N LEU A 50 -0.99 -0.56 4.34
CA LEU A 50 -1.19 -0.82 2.90
C LEU A 50 -1.15 -2.34 2.68
N ILE A 51 -2.31 -2.91 2.38
CA ILE A 51 -2.48 -4.38 2.37
C ILE A 51 -2.91 -4.88 1.03
N SER A 52 -2.13 -5.84 0.50
CA SER A 52 -2.55 -6.60 -0.66
C SER A 52 -2.54 -8.10 -0.40
N LYS A 53 -3.69 -8.73 -0.60
CA LYS A 53 -3.78 -10.23 -0.53
C LYS A 53 -3.48 -10.91 -1.84
N GLY A 54 -2.66 -10.29 -2.64
CA GLY A 54 -2.23 -10.76 -3.94
C GLY A 54 -0.87 -10.18 -4.24
N GLU A 55 -0.60 -9.92 -5.52
CA GLU A 55 0.61 -9.34 -5.99
C GLU A 55 0.50 -7.82 -5.75
N VAL A 57 2.14 -4.31 -7.25
CA VAL A 57 3.00 -3.74 -8.30
C VAL A 57 2.91 -2.23 -8.17
N ILE A 58 4.07 -1.59 -8.26
CA ILE A 58 4.19 -0.12 -8.17
C ILE A 58 4.83 0.33 -9.45
N ASN A 59 4.08 1.05 -10.25
CA ASN A 59 4.56 1.54 -11.53
C ASN A 59 5.12 2.94 -11.47
N GLN A 60 5.93 3.24 -12.47
CA GLN A 60 6.51 4.57 -12.70
C GLN A 60 6.04 5.07 -14.06
N ASP A 61 6.02 6.37 -14.24
CA ASP A 61 5.45 6.98 -15.47
C ASP A 61 6.22 8.33 -15.64
N SER A 62 6.98 8.41 -16.72
CA SER A 62 7.84 9.54 -17.02
C SER A 62 7.15 10.76 -17.64
N ASP A 63 5.87 10.61 -17.99
CA ASP A 63 5.09 11.76 -18.51
C ASP A 63 5.29 12.95 -17.58
N SER A 64 5.54 14.10 -18.15
CA SER A 64 5.75 15.30 -17.31
C SER A 64 4.54 15.71 -16.44
N ARG A 65 3.35 15.18 -16.73
CA ARG A 65 2.14 15.44 -15.95
C ARG A 65 2.07 14.53 -14.76
N CYS A 66 3.00 13.54 -14.74
CA CYS A 66 3.10 12.59 -13.64
C CYS A 66 4.19 13.06 -12.68
N ARG A 67 4.66 12.16 -11.86
CA ARG A 67 5.54 12.54 -10.73
C ARG A 67 6.05 11.25 -10.09
N ASP A 68 6.86 11.41 -9.07
CA ASP A 68 7.48 10.25 -8.40
C ASP A 68 6.42 9.65 -7.46
N ASN A 69 6.67 8.42 -7.03
CA ASN A 69 5.86 7.80 -5.98
C ASN A 69 6.53 8.12 -4.69
N ASN A 70 5.71 8.49 -3.73
N ASN A 70 5.74 8.62 -3.74
CA ASN A 70 6.21 8.77 -2.38
CA ASN A 70 6.18 8.79 -2.35
C ASN A 70 5.21 8.19 -1.37
C ASN A 70 5.16 8.14 -1.42
N ILE A 71 5.54 6.99 -0.88
CA ILE A 71 4.59 6.16 -0.16
C ILE A 71 5.10 6.07 1.24
N VAL A 72 4.34 6.59 2.20
CA VAL A 72 4.72 6.53 3.58
C VAL A 72 3.61 5.82 4.32
N VAL A 73 4.02 4.76 5.04
CA VAL A 73 3.13 3.83 5.70
C VAL A 73 3.58 3.74 7.14
N ARG A 74 2.70 4.17 8.05
CA ARG A 74 3.08 4.34 9.44
C ARG A 74 3.19 3.03 10.19
N ASN A 75 2.48 2.02 9.73
CA ASN A 75 2.48 0.74 10.35
C ASN A 75 2.93 -0.32 9.31
N ILE A 76 2.02 -1.05 8.69
N ILE A 76 2.02 -1.09 8.73
CA ILE A 76 2.36 -2.24 7.94
CA ILE A 76 2.47 -2.18 7.91
C ILE A 76 2.07 -2.15 6.44
C ILE A 76 2.05 -2.21 6.44
N ILE A 77 3.02 -2.58 5.62
CA ILE A 77 2.80 -2.95 4.22
C ILE A 77 2.75 -4.51 4.26
N TYR A 78 1.65 -5.06 3.78
CA TYR A 78 1.51 -6.49 3.69
C TYR A 78 1.29 -6.89 2.29
N VAL A 79 2.10 -7.79 1.79
CA VAL A 79 1.93 -8.31 0.40
C VAL A 79 1.92 -9.82 0.48
N GLU A 80 0.78 -10.43 0.13
N GLU A 80 0.79 -10.42 0.12
CA GLU A 80 0.71 -11.89 0.19
CA GLU A 80 0.71 -11.88 0.18
C GLU A 80 1.65 -12.61 -0.79
C GLU A 80 1.67 -12.59 -0.79
N LYS A 81 1.76 -12.07 -2.02
CA LYS A 81 2.63 -12.65 -3.07
C LYS A 81 3.87 -11.80 -3.26
N SER A 82 4.23 -11.43 -4.48
CA SER A 82 5.40 -10.65 -4.73
C SER A 82 5.08 -9.14 -4.75
N LEU A 83 6.09 -8.38 -4.36
CA LEU A 83 6.12 -6.95 -4.58
C LEU A 83 7.08 -6.61 -5.68
N LYS A 84 6.60 -5.87 -6.68
N LYS A 84 6.61 -5.83 -6.64
CA LYS A 84 7.46 -5.41 -7.75
CA LYS A 84 7.45 -5.45 -7.75
C LYS A 84 7.38 -3.90 -7.82
C LYS A 84 7.39 -3.94 -7.96
N ALA A 85 8.54 -3.28 -7.78
CA ALA A 85 8.66 -1.80 -8.04
C ALA A 85 9.35 -1.61 -9.38
N ASN A 86 8.54 -1.32 -10.39
CA ASN A 86 9.01 -1.21 -11.73
C ASN A 86 9.85 0.10 -11.98
N ARG A 87 10.58 0.08 -13.10
CA ARG A 87 11.55 1.09 -13.40
C ARG A 87 11.25 1.79 -14.72
N ILE A 88 10.94 3.07 -14.66
CA ILE A 88 10.94 3.93 -15.89
C ILE A 88 11.79 5.15 -15.54
N SER A 89 12.95 5.27 -16.14
CA SER A 89 13.81 6.48 -15.95
C SER A 89 13.05 7.77 -16.34
N PRO A 90 13.20 8.87 -15.58
CA PRO A 90 14.12 9.09 -14.48
C PRO A 90 13.32 9.13 -13.14
N ARG A 91 12.29 8.35 -13.05
CA ARG A 91 11.40 8.45 -11.93
C ARG A 91 11.95 7.74 -10.69
N SER A 92 11.45 8.14 -9.52
N SER A 92 11.44 8.14 -9.53
CA SER A 92 11.79 7.44 -8.30
CA SER A 92 11.77 7.47 -8.28
C SER A 92 10.55 6.89 -7.61
C SER A 92 10.53 6.87 -7.64
N THR A 93 10.76 5.79 -6.92
CA THR A 93 9.76 5.15 -6.04
C THR A 93 10.29 5.14 -4.64
N ASN A 94 9.79 6.03 -3.81
CA ASN A 94 10.26 6.11 -2.44
C ASN A 94 9.23 5.50 -1.48
N ILE A 95 9.67 4.63 -0.60
CA ILE A 95 8.75 3.89 0.28
C ILE A 95 9.36 3.95 1.64
N ASP A 96 8.60 4.41 2.63
N ASP A 96 8.62 4.55 2.59
CA ASP A 96 9.10 4.47 4.00
CA ASP A 96 8.94 4.48 4.00
C ASP A 96 8.03 3.87 4.89
C ASP A 96 7.86 3.64 4.65
N ALA A 97 8.27 2.64 5.39
CA ALA A 97 7.34 1.85 6.18
C ALA A 97 7.94 1.39 7.47
N LYS A 98 7.12 1.28 8.52
CA LYS A 98 7.63 0.69 9.74
C LYS A 98 7.86 -0.81 9.50
N THR A 99 6.86 -1.51 9.01
CA THR A 99 6.95 -3.02 8.95
C THR A 99 6.55 -3.37 7.53
N ILE A 100 7.36 -4.17 6.84
CA ILE A 100 6.92 -4.70 5.52
C ILE A 100 7.02 -6.23 5.58
N TYR A 101 5.98 -6.93 5.09
CA TYR A 101 6.02 -8.33 4.94
C TYR A 101 5.72 -8.64 3.49
N VAL A 102 6.51 -9.51 2.86
CA VAL A 102 6.27 -10.01 1.51
C VAL A 102 6.37 -11.51 1.56
N GLY A 103 5.29 -12.17 1.09
CA GLY A 103 5.20 -13.63 1.15
C GLY A 103 6.03 -14.32 0.10
N GLN A 104 6.14 -13.73 -1.09
CA GLN A 104 7.01 -14.24 -2.16
C GLN A 104 8.16 -13.22 -2.39
N GLU A 105 8.48 -12.90 -3.61
CA GLU A 105 9.69 -12.18 -3.92
C GLU A 105 9.48 -10.67 -3.83
N GLN A 107 10.96 -7.46 -5.44
N GLN A 107 11.08 -7.47 -5.74
CA GLN A 107 11.81 -7.09 -6.58
CA GLN A 107 11.96 -7.06 -6.81
C GLN A 107 11.81 -5.57 -6.76
C GLN A 107 11.90 -5.56 -6.98
N LEU A 108 12.92 -4.90 -6.47
CA LEU A 108 12.97 -3.44 -6.51
C LEU A 108 13.87 -3.04 -7.66
N TYR A 109 13.26 -2.59 -8.75
CA TYR A 109 13.96 -2.13 -9.94
C TYR A 109 13.94 -0.62 -10.07
N GLY A 110 12.84 0.02 -9.67
CA GLY A 110 12.79 1.46 -9.81
C GLY A 110 13.72 2.15 -8.84
N ALA A 111 14.52 3.11 -9.29
CA ALA A 111 15.28 3.96 -8.40
C ALA A 111 14.41 4.55 -7.30
N GLY A 112 14.99 4.78 -6.13
CA GLY A 112 14.27 5.30 -5.04
C GLY A 112 14.91 4.95 -3.73
N SER A 113 14.37 5.57 -2.68
CA SER A 113 14.81 5.34 -1.32
C SER A 113 13.72 4.49 -0.60
N TYR A 114 14.11 3.28 -0.26
CA TYR A 114 13.23 2.31 0.38
C TYR A 114 13.72 2.15 1.81
N LYS A 115 12.95 2.64 2.79
CA LYS A 115 13.40 2.66 4.18
C LYS A 115 12.39 1.90 5.04
N PHE A 116 12.87 0.85 5.69
CA PHE A 116 12.04 -0.04 6.50
C PHE A 116 12.63 -0.12 7.89
N VAL A 117 11.80 -0.07 8.91
CA VAL A 117 12.25 -0.43 10.25
C VAL A 117 12.42 -1.93 10.37
N GLN A 118 11.41 -2.72 10.01
CA GLN A 118 11.53 -4.17 10.02
C GLN A 118 10.97 -4.71 8.74
N LEU A 119 11.74 -5.60 8.15
N LEU A 119 11.72 -5.62 8.11
CA LEU A 119 11.40 -6.29 6.90
CA LEU A 119 11.34 -6.24 6.84
C LEU A 119 11.35 -7.80 7.13
C LEU A 119 11.42 -7.76 6.95
N PHE A 120 10.31 -8.42 6.59
CA PHE A 120 10.16 -9.89 6.64
C PHE A 120 9.81 -10.37 5.29
N SER A 121 10.63 -11.24 4.72
CA SER A 121 10.38 -11.82 3.43
C SER A 121 10.50 -13.30 3.56
N ASP A 122 9.56 -14.02 2.98
CA ASP A 122 9.55 -15.49 3.01
C ASP A 122 10.32 -16.08 1.81
N SER A 123 10.92 -15.20 1.00
CA SER A 123 11.66 -15.60 -0.19
C SER A 123 12.83 -14.66 -0.43
N ASN A 124 13.09 -14.32 -1.67
CA ASN A 124 14.21 -13.49 -2.03
C ASN A 124 13.83 -12.00 -2.03
N VAL A 125 14.87 -11.19 -1.80
CA VAL A 125 14.80 -9.75 -1.91
C VAL A 125 15.85 -9.31 -2.94
N LYS A 126 15.41 -8.81 -4.09
CA LYS A 126 16.27 -8.47 -5.23
C LYS A 126 16.18 -6.97 -5.51
N LEU A 127 17.30 -6.28 -5.36
CA LEU A 127 17.41 -4.86 -5.75
C LEU A 127 18.32 -4.79 -6.96
N ALA A 128 17.81 -4.20 -8.05
CA ALA A 128 18.59 -4.16 -9.34
C ALA A 128 18.45 -2.82 -10.01
N GLY A 129 19.56 -2.12 -10.09
CA GLY A 129 19.62 -0.90 -10.91
C GLY A 129 20.20 0.30 -10.20
N PRO A 130 20.73 1.27 -10.97
CA PRO A 130 21.22 2.45 -10.36
C PRO A 130 20.16 3.17 -9.56
N GLY A 131 20.58 3.72 -8.45
CA GLY A 131 19.67 4.49 -7.61
C GLY A 131 18.64 3.76 -6.76
N VAL A 132 18.67 2.44 -6.77
CA VAL A 132 17.80 1.60 -5.96
C VAL A 132 18.50 1.44 -4.59
N ASN A 133 18.05 2.16 -3.58
CA ASN A 133 18.76 2.23 -2.28
C ASN A 133 17.81 1.87 -1.17
N GLU A 135 17.28 0.90 2.98
CA GLU A 135 17.88 0.99 4.35
C GLU A 135 17.01 0.18 5.27
N VAL A 136 17.62 -0.57 6.18
CA VAL A 136 16.90 -1.31 7.22
C VAL A 136 17.34 -0.75 8.55
N SER A 137 16.39 -0.23 9.33
CA SER A 137 16.84 0.46 10.55
C SER A 137 16.97 -0.45 11.76
N THR A 138 16.14 -1.48 11.88
CA THR A 138 16.16 -2.35 13.08
C THR A 138 16.35 -3.86 12.81
N LEU A 139 15.51 -4.43 11.93
CA LEU A 139 15.45 -5.85 11.77
C LEU A 139 15.05 -6.27 10.37
N ALA A 140 15.67 -7.34 9.88
CA ALA A 140 15.22 -7.94 8.60
C ALA A 140 15.44 -9.44 8.70
N SER A 141 14.48 -10.14 8.19
CA SER A 141 14.46 -11.58 8.12
C SER A 141 14.08 -11.95 6.70
N ILE A 142 15.05 -12.55 5.99
CA ILE A 142 14.93 -12.87 4.58
C ILE A 142 15.25 -14.34 4.42
N ARG A 143 14.26 -15.15 4.06
CA ARG A 143 14.47 -16.61 4.08
C ARG A 143 15.23 -17.10 2.90
N GLY A 144 15.22 -16.33 1.83
CA GLY A 144 16.03 -16.61 0.68
C GLY A 144 17.26 -15.75 0.56
N THR A 145 17.49 -15.25 -0.63
CA THR A 145 18.65 -14.51 -0.95
C THR A 145 18.34 -13.02 -0.93
N LEU A 146 19.26 -12.26 -0.42
CA LEU A 146 19.33 -10.79 -0.57
C LEU A 146 20.31 -10.57 -1.74
N GLU A 147 19.80 -10.10 -2.86
CA GLU A 147 20.55 -9.90 -4.11
C GLU A 147 20.57 -8.42 -4.37
N VAL A 148 21.73 -7.84 -4.48
CA VAL A 148 21.93 -6.41 -4.63
C VAL A 148 22.86 -6.15 -5.82
N ILE A 149 22.30 -5.74 -6.94
CA ILE A 149 23.03 -5.72 -8.23
C ILE A 149 22.85 -4.42 -9.02
N ASP A 150 23.76 -4.25 -9.98
CA ASP A 150 23.56 -3.28 -11.05
C ASP A 150 23.45 -1.86 -10.49
N GLY A 151 24.14 -1.59 -9.39
CA GLY A 151 24.19 -0.26 -8.84
C GLY A 151 23.37 0.01 -7.60
N ALA A 152 22.52 -0.98 -7.23
CA ALA A 152 21.71 -0.90 -6.06
C ALA A 152 22.60 -0.87 -4.84
N THR A 153 22.13 -0.26 -3.77
CA THR A 153 22.76 -0.36 -2.47
C THR A 153 21.77 -0.77 -1.35
N VAL A 154 22.32 -1.37 -0.30
CA VAL A 154 21.59 -1.69 0.92
C VAL A 154 22.45 -1.22 2.09
N THR A 155 21.80 -0.51 3.00
CA THR A 155 22.42 -0.01 4.24
C THR A 155 21.75 -0.62 5.42
N LEU A 156 22.55 -1.28 6.28
CA LEU A 156 22.04 -1.83 7.54
C LEU A 156 22.39 -0.79 8.61
N LYS A 157 21.39 -0.12 9.17
CA LYS A 157 21.68 1.02 10.06
C LYS A 157 22.20 0.53 11.42
N SER A 158 22.65 1.47 12.24
CA SER A 158 23.32 1.09 13.48
C SER A 158 22.51 0.20 14.40
N ASN A 159 23.19 -0.80 14.98
N ASN A 159 23.18 -0.84 14.89
CA ASN A 159 22.58 -1.80 15.88
CA ASN A 159 22.61 -1.86 15.79
C ASN A 159 21.48 -2.67 15.27
C ASN A 159 21.47 -2.66 15.27
N SER A 160 21.27 -2.63 13.93
CA SER A 160 20.22 -3.42 13.30
C SER A 160 20.65 -4.90 13.38
N ALA A 161 19.73 -5.81 13.12
CA ALA A 161 19.94 -7.27 13.08
C ALA A 161 19.29 -7.77 11.80
N VAL A 162 20.08 -8.40 10.94
CA VAL A 162 19.55 -8.82 9.64
C VAL A 162 19.91 -10.28 9.44
N TYR A 163 18.97 -11.10 9.05
CA TYR A 163 19.16 -12.55 8.95
C TYR A 163 18.76 -12.96 7.55
N CYS A 164 19.66 -13.54 6.75
CA CYS A 164 19.38 -13.94 5.33
C CYS A 164 19.98 -15.31 5.11
N ASN A 165 19.39 -16.06 4.21
CA ASN A 165 20.06 -17.26 3.79
C ASN A 165 21.33 -17.07 3.03
N SER A 166 21.32 -16.14 2.08
N SER A 166 21.31 -16.19 2.04
CA SER A 166 22.42 -15.93 1.15
CA SER A 166 22.43 -15.94 1.14
C SER A 166 22.44 -14.47 0.73
C SER A 166 22.46 -14.47 0.78
N LEU A 167 23.63 -14.05 0.32
CA LEU A 167 23.90 -12.70 -0.11
C LEU A 167 24.63 -12.69 -1.41
N VAL A 168 24.15 -11.90 -2.39
CA VAL A 168 24.85 -11.70 -3.62
C VAL A 168 24.91 -10.21 -3.84
N VAL A 169 26.10 -9.70 -4.05
CA VAL A 169 26.29 -8.28 -4.37
C VAL A 169 27.30 -8.18 -5.52
N ARG A 170 26.91 -7.54 -6.62
CA ARG A 170 27.75 -7.47 -7.81
C ARG A 170 27.39 -6.33 -8.69
N ASN A 171 28.19 -6.07 -9.72
CA ASN A 171 27.90 -5.10 -10.70
C ASN A 171 27.75 -3.68 -10.15
N GLY A 172 28.75 -3.24 -9.39
CA GLY A 172 28.79 -1.87 -8.92
C GLY A 172 27.86 -1.53 -7.77
N SER A 173 27.52 -2.54 -6.97
CA SER A 173 26.60 -2.47 -5.86
C SER A 173 27.36 -2.58 -4.58
N ARG A 174 26.71 -2.22 -3.50
N ARG A 174 26.68 -2.25 -3.51
CA ARG A 174 27.37 -2.18 -2.17
CA ARG A 174 27.32 -2.21 -2.17
C ARG A 174 26.39 -2.50 -1.07
C ARG A 174 26.32 -2.63 -1.14
N LEU A 175 26.86 -3.26 -0.10
CA LEU A 175 26.10 -3.52 1.13
C LEU A 175 26.90 -2.81 2.22
N ILE A 176 26.25 -1.89 2.96
CA ILE A 176 26.90 -1.07 3.97
C ILE A 176 26.39 -1.43 5.35
N LEU A 177 27.32 -1.76 6.27
CA LEU A 177 26.93 -1.96 7.67
C LEU A 177 27.38 -0.76 8.49
N GLU A 178 26.44 -0.12 9.20
CA GLU A 178 26.83 0.95 10.13
C GLU A 178 27.25 0.31 11.44
N ASN A 179 27.76 1.16 12.34
CA ASN A 179 28.27 0.69 13.65
C ASN A 179 27.25 -0.18 14.42
N GLY A 180 27.67 -1.34 14.87
CA GLY A 180 26.86 -2.25 15.66
C GLY A 180 25.83 -3.03 14.92
N ALA A 181 25.74 -2.80 13.59
CA ALA A 181 24.79 -3.60 12.81
C ALA A 181 25.32 -5.07 12.83
N LYS A 182 24.41 -6.02 12.80
CA LYS A 182 24.76 -7.45 12.88
C LYS A 182 24.12 -8.12 11.66
N LEU A 183 24.95 -8.68 10.77
CA LEU A 183 24.46 -9.47 9.63
C LEU A 183 24.74 -10.95 9.88
N TYR A 184 23.70 -11.75 9.72
CA TYR A 184 23.79 -13.21 9.88
C TYR A 184 23.43 -13.86 8.57
N LEU A 185 24.35 -14.67 8.01
CA LEU A 185 24.12 -15.33 6.75
C LEU A 185 24.22 -16.79 6.99
N ALA A 186 23.28 -17.56 6.49
CA ALA A 186 23.29 -19.04 6.62
C ALA A 186 24.37 -19.70 5.78
N THR A 187 24.86 -19.01 4.78
CA THR A 187 25.90 -19.50 3.83
C THR A 187 27.01 -18.50 3.78
N THR A 188 28.02 -18.82 2.97
CA THR A 188 29.19 -17.96 2.75
C THR A 188 29.22 -17.51 1.29
N PRO A 189 29.18 -16.21 1.08
CA PRO A 189 29.15 -15.75 -0.31
C PRO A 189 30.47 -15.89 -1.06
N ASP A 190 30.42 -15.50 -2.34
CA ASP A 190 31.60 -15.45 -3.17
C ASP A 190 32.50 -14.26 -2.96
N ALA A 191 33.70 -14.31 -3.49
CA ALA A 191 34.67 -13.24 -3.21
C ALA A 191 34.19 -11.86 -3.61
N SER A 192 33.56 -11.76 -4.77
N SER A 192 33.54 -11.75 -4.76
CA SER A 192 33.12 -10.46 -5.25
CA SER A 192 33.14 -10.43 -5.25
C SER A 192 32.12 -9.81 -4.30
C SER A 192 31.97 -9.79 -4.48
N THR A 193 31.19 -10.63 -3.85
CA THR A 193 30.20 -10.18 -2.88
C THR A 193 30.88 -9.68 -1.63
N ILE A 194 31.79 -10.49 -1.10
CA ILE A 194 32.43 -10.10 0.15
C ILE A 194 33.17 -8.75 0.00
N ILE A 195 33.88 -8.52 -1.11
N ILE A 195 33.91 -8.55 -1.09
CA ILE A 195 34.62 -7.29 -1.32
CA ILE A 195 34.59 -7.31 -1.34
C ILE A 195 33.71 -6.08 -1.62
C ILE A 195 33.64 -6.10 -1.38
N SER A 196 32.39 -6.34 -1.80
CA SER A 196 31.39 -5.31 -1.99
C SER A 196 30.66 -4.92 -0.71
N ILE A 197 31.09 -5.47 0.41
CA ILE A 197 30.52 -5.15 1.71
C ILE A 197 31.44 -4.10 2.31
N GLN A 198 30.85 -3.01 2.80
N GLN A 198 30.87 -2.96 2.71
CA GLN A 198 31.57 -1.97 3.52
CA GLN A 198 31.56 -2.00 3.55
C GLN A 198 31.11 -2.01 4.97
C GLN A 198 31.06 -2.15 4.96
N ASN A 199 31.96 -2.53 5.85
CA ASN A 199 31.58 -2.84 7.24
C ASN A 199 32.19 -1.78 8.09
N ASN A 200 31.34 -0.83 8.48
CA ASN A 200 31.80 0.33 9.31
C ASN A 200 31.54 0.10 10.78
N GLY A 201 32.20 -0.90 11.36
CA GLY A 201 32.05 -1.22 12.77
C GLY A 201 30.87 -2.11 13.16
N GLY A 202 30.32 -2.85 12.19
CA GLY A 202 29.35 -3.87 12.47
C GLY A 202 29.97 -5.24 12.50
N THR A 203 29.17 -6.29 12.48
CA THR A 203 29.70 -7.67 12.54
C THR A 203 28.96 -8.55 11.55
N ILE A 204 29.71 -9.38 10.79
CA ILE A 204 29.12 -10.32 9.84
C ILE A 204 29.40 -11.71 10.34
N SER A 205 28.36 -12.56 10.46
CA SER A 205 28.51 -13.93 10.89
C SER A 205 28.15 -14.74 9.66
N TYR A 206 29.19 -15.27 9.01
CA TYR A 206 28.98 -16.07 7.78
C TYR A 206 28.71 -17.50 8.09
N SER A 207 27.84 -18.19 7.34
CA SER A 207 27.49 -19.60 7.61
C SER A 207 27.23 -19.82 9.10
N SER A 208 26.27 -19.02 9.58
CA SER A 208 25.96 -18.85 11.00
C SER A 208 24.81 -19.73 11.29
N SER A 209 24.72 -20.25 12.52
N SER A 209 24.76 -20.15 12.56
CA SER A 209 23.56 -21.05 12.98
CA SER A 209 23.68 -20.90 13.15
C SER A 209 22.73 -20.10 13.89
C SER A 209 22.77 -19.87 13.85
N PHE A 210 21.52 -19.79 13.45
CA PHE A 210 20.65 -18.79 14.03
C PHE A 210 19.23 -19.24 13.71
N SER A 211 18.27 -18.73 14.49
N SER A 211 18.30 -18.70 14.50
CA SER A 211 16.84 -18.85 14.17
CA SER A 211 16.87 -18.83 14.19
C SER A 211 16.35 -17.54 13.54
C SER A 211 16.33 -17.52 13.55
N TYR A 212 15.44 -17.63 12.55
CA TYR A 212 14.92 -16.43 11.89
C TYR A 212 13.95 -15.79 12.88
N PRO A 213 13.92 -14.45 12.93
N PRO A 213 14.06 -14.47 13.15
CA PRO A 213 12.72 -13.85 13.50
CA PRO A 213 13.31 -13.81 14.26
C PRO A 213 11.48 -14.09 12.61
C PRO A 213 11.81 -14.05 14.27
N SER A 214 10.42 -14.44 13.32
N SER A 214 11.17 -14.18 15.44
CA SER A 214 9.08 -14.53 12.78
CA SER A 214 9.70 -14.35 15.48
C SER A 214 8.39 -13.17 12.75
C SER A 214 9.00 -13.15 14.81
N PRO A 215 7.58 -12.98 11.71
N PRO A 215 8.10 -13.42 13.87
CA PRO A 215 6.79 -11.77 11.56
CA PRO A 215 7.53 -12.24 13.22
C PRO A 215 5.92 -11.53 12.80
C PRO A 215 6.36 -11.58 13.99
N PRO A 216 5.69 -10.26 13.13
N PRO A 216 6.07 -10.32 13.67
CA PRO A 216 4.91 -9.86 14.28
CA PRO A 216 4.94 -9.70 14.39
C PRO A 216 3.49 -10.40 14.15
C PRO A 216 3.55 -10.36 14.18
N ALA A 217 2.76 -10.40 15.25
CA ALA A 217 1.49 -11.10 15.27
C ALA A 217 0.51 -10.59 14.24
N GLU A 218 0.65 -9.31 13.98
N GLU A 218 0.63 -9.34 13.79
CA GLU A 218 -0.26 -8.58 13.12
CA GLU A 218 -0.35 -8.85 12.76
C GLU A 218 -0.34 -9.18 11.75
C GLU A 218 -0.21 -9.51 11.39
N ILE A 219 0.78 -9.80 11.32
N ILE A 219 0.99 -9.95 10.98
CA ILE A 219 0.85 -10.41 10.03
CA ILE A 219 1.12 -10.65 9.71
C ILE A 219 -0.06 -11.60 9.86
C ILE A 219 0.15 -11.82 9.66
N ASP A 220 0.06 -12.58 10.74
CA ASP A 220 -0.84 -13.70 10.75
C ASP A 220 -2.29 -13.26 10.98
N GLU A 221 -2.50 -12.16 11.68
N GLU A 221 -2.52 -12.16 11.70
CA GLU A 221 -3.87 -11.65 11.84
CA GLU A 221 -3.91 -11.62 11.87
C GLU A 221 -4.42 -11.27 10.48
C GLU A 221 -4.47 -11.14 10.54
N ILE A 222 -3.62 -10.50 9.72
CA ILE A 222 -4.02 -10.07 8.40
C ILE A 222 -4.22 -11.28 7.52
N ARG A 223 -3.30 -12.22 7.55
CA ARG A 223 -3.45 -13.42 6.72
C ARG A 223 -4.74 -14.19 7.03
N ASN A 224 -5.11 -14.28 8.30
CA ASN A 224 -6.25 -15.16 8.62
C ASN A 224 -7.60 -14.47 8.72
N ARG A 225 -7.60 -13.13 8.68
CA ARG A 225 -8.86 -12.37 8.71
C ARG A 225 -9.52 -12.37 7.33
N ASP A 226 -10.81 -12.68 7.31
CA ASP A 226 -11.62 -12.54 6.10
C ASP A 226 -12.22 -11.14 6.19
N TYR A 227 -11.69 -10.18 5.42
CA TYR A 227 -12.03 -8.77 5.65
C TYR A 227 -13.44 -8.44 5.23
N THR A 228 -14.10 -9.32 4.46
CA THR A 228 -15.50 -9.14 4.08
C THR A 228 -16.44 -10.23 4.71
N SER A 229 -16.07 -10.75 5.88
CA SER A 229 -16.99 -11.64 6.64
C SER A 229 -18.33 -10.98 6.72
N GLY A 230 -19.38 -11.73 6.34
CA GLY A 230 -20.75 -11.26 6.49
C GLY A 230 -21.33 -10.52 5.31
N LEU A 231 -20.50 -10.14 4.34
CA LEU A 231 -20.94 -9.38 3.21
C LEU A 231 -22.08 -10.07 2.49
N LEU A 232 -23.16 -9.33 2.34
CA LEU A 232 -24.34 -9.74 1.58
C LEU A 232 -24.12 -9.64 0.09
N THR A 233 -25.07 -10.18 -0.68
CA THR A 233 -25.03 -10.06 -2.15
C THR A 233 -26.16 -9.19 -2.69
N THR A 234 -27.05 -8.73 -1.79
CA THR A 234 -28.04 -7.70 -2.05
C THR A 234 -27.38 -6.59 -2.86
N PRO A 235 -28.01 -6.18 -3.94
CA PRO A 235 -27.44 -4.97 -4.59
C PRO A 235 -27.45 -3.76 -3.68
N LEU A 236 -26.42 -2.94 -3.85
CA LEU A 236 -26.39 -1.67 -3.17
C LEU A 236 -27.65 -0.86 -3.54
N PRO A 237 -28.17 -0.07 -2.59
CA PRO A 237 -29.40 0.68 -2.86
C PRO A 237 -29.33 1.69 -3.99
N ALA A 238 -30.49 1.88 -4.62
CA ALA A 238 -30.69 3.00 -5.53
C ALA A 238 -31.95 3.65 -5.18
N ASP A 239 -32.05 4.92 -5.51
CA ASP A 239 -33.29 5.64 -5.24
C ASP A 239 -33.71 6.50 -6.45
N SER A 240 -34.98 6.95 -6.46
CA SER A 240 -35.57 7.51 -7.64
C SER A 240 -35.19 8.93 -7.87
N VAL A 241 -34.91 9.64 -6.79
CA VAL A 241 -34.34 10.98 -6.87
C VAL A 241 -32.89 11.00 -7.41
N GLY A 242 -32.48 12.15 -7.90
CA GLY A 242 -31.11 12.31 -8.35
C GLY A 242 -30.95 11.46 -9.58
N SER A 243 -29.95 10.58 -9.57
CA SER A 243 -29.77 9.63 -10.66
C SER A 243 -30.41 8.35 -10.27
N ASN A 244 -31.24 7.80 -11.16
CA ASN A 244 -32.00 6.58 -10.80
C ASN A 244 -31.14 5.35 -10.52
N GLN A 245 -29.88 5.41 -10.98
CA GLN A 245 -28.95 4.35 -10.89
C GLN A 245 -28.17 4.38 -9.54
N LEU A 246 -28.25 5.53 -8.88
CA LEU A 246 -27.55 5.71 -7.59
C LEU A 246 -28.46 5.82 -6.41
N GLY A 247 -27.89 5.47 -5.24
CA GLY A 247 -28.57 5.67 -3.95
C GLY A 247 -27.73 6.56 -3.06
N SER A 248 -28.37 7.11 -2.01
CA SER A 248 -27.66 7.95 -1.07
C SER A 248 -28.32 7.99 0.28
N THR A 249 -27.52 8.22 1.32
CA THR A 249 -28.01 8.57 2.61
C THR A 249 -27.15 9.70 3.10
N ALA A 250 -27.81 10.73 3.68
CA ALA A 250 -27.08 11.87 4.21
C ALA A 250 -27.23 12.00 5.72
N ASP A 251 -26.17 12.53 6.30
CA ASP A 251 -26.16 12.99 7.70
C ASP A 251 -25.92 14.49 7.74
N THR A 252 -27.00 15.24 8.00
CA THR A 252 -26.92 16.68 8.00
C THR A 252 -26.87 17.21 9.45
N SER A 253 -26.67 16.32 10.41
CA SER A 253 -26.51 16.73 11.82
C SER A 253 -25.16 17.33 12.13
N GLN A 254 -24.20 17.21 11.21
CA GLN A 254 -22.99 17.96 11.25
C GLN A 254 -22.87 18.84 10.02
N THR A 255 -21.98 19.81 10.15
CA THR A 255 -21.59 20.72 9.09
C THR A 255 -20.06 20.70 9.04
N PRO A 256 -19.46 20.35 7.90
CA PRO A 256 -20.23 20.05 6.72
C PRO A 256 -20.92 18.68 6.83
N PRO A 257 -21.93 18.45 5.98
CA PRO A 257 -22.66 17.21 6.04
C PRO A 257 -21.88 16.04 5.49
N GLN A 258 -22.31 14.87 5.89
CA GLN A 258 -21.74 13.65 5.38
C GLN A 258 -22.73 13.06 4.42
N ILE A 259 -22.22 12.36 3.42
CA ILE A 259 -23.16 11.60 2.54
C ILE A 259 -22.49 10.32 2.02
N VAL A 260 -23.26 9.24 1.98
CA VAL A 260 -22.82 8.05 1.30
C VAL A 260 -23.58 7.92 -0.03
N ILE A 261 -22.81 7.67 -1.10
CA ILE A 261 -23.36 7.35 -2.41
C ILE A 261 -23.12 5.89 -2.72
N TYR A 262 -24.18 5.20 -3.16
CA TYR A 262 -24.12 3.79 -3.47
C TYR A 262 -24.35 3.67 -4.99
N GLY A 263 -23.44 2.98 -5.67
CA GLY A 263 -23.70 2.63 -7.11
C GLY A 263 -23.39 1.16 -7.28
N GLU A 264 -24.42 0.32 -7.42
CA GLU A 264 -24.14 -1.09 -7.57
C GLU A 264 -23.19 -1.39 -8.71
N SER A 265 -23.53 -0.91 -9.89
CA SER A 265 -22.73 -1.23 -11.08
C SER A 265 -21.47 -0.43 -11.29
N TYR A 266 -21.45 0.83 -10.82
CA TYR A 266 -20.42 1.77 -11.05
C TYR A 266 -20.86 3.07 -10.34
N ILE A 267 -19.87 3.93 -10.13
CA ILE A 267 -20.13 5.30 -9.85
C ILE A 267 -19.26 6.20 -10.75
N ASN A 268 -19.92 7.16 -11.37
CA ASN A 268 -19.24 8.24 -12.12
C ASN A 268 -19.53 9.60 -11.43
N ASP A 269 -18.50 10.43 -11.31
CA ASP A 269 -18.66 11.53 -10.34
C ASP A 269 -19.63 12.59 -10.72
N ASN A 270 -19.81 12.85 -12.01
CA ASN A 270 -20.82 13.82 -12.37
C ASN A 270 -22.25 13.33 -12.04
N GLU A 271 -22.54 12.03 -12.22
CA GLU A 271 -23.75 11.42 -11.74
C GLU A 271 -23.88 11.41 -10.19
N ALA A 272 -22.77 11.21 -9.50
CA ALA A 272 -22.75 11.32 -8.04
C ALA A 272 -23.13 12.75 -7.59
N ARG A 273 -22.63 13.74 -8.29
CA ARG A 273 -23.00 15.13 -7.94
C ARG A 273 -24.49 15.41 -8.16
N ILE A 274 -25.11 14.83 -9.19
CA ILE A 274 -26.52 14.96 -9.36
C ILE A 274 -27.30 14.31 -8.20
N GLU A 275 -26.84 13.13 -7.74
CA GLU A 275 -27.43 12.43 -6.59
C GLU A 275 -27.24 13.27 -5.34
N ILE A 276 -26.03 13.83 -5.17
CA ILE A 276 -25.72 14.64 -3.97
C ILE A 276 -26.61 15.88 -3.88
N SER A 277 -26.73 16.56 -4.99
N SER A 277 -26.74 16.57 -4.99
CA SER A 277 -27.51 17.79 -5.02
CA SER A 277 -27.49 17.82 -5.01
C SER A 277 -28.99 17.51 -4.68
C SER A 277 -29.00 17.58 -4.78
N ALA A 278 -29.54 16.44 -5.24
CA ALA A 278 -30.90 16.07 -4.96
C ALA A 278 -31.06 15.68 -3.50
N ARG A 279 -30.12 14.92 -2.91
CA ARG A 279 -30.29 14.44 -1.53
C ARG A 279 -30.18 15.60 -0.54
N LEU A 280 -29.26 16.52 -0.80
CA LEU A 280 -28.97 17.61 0.14
C LEU A 280 -29.88 18.80 -0.08
N GLY A 281 -30.54 18.82 -1.25
CA GLY A 281 -31.46 19.89 -1.64
C GLY A 281 -30.76 21.16 -1.99
N SER A 282 -29.62 21.04 -2.62
CA SER A 282 -28.85 22.20 -3.00
C SER A 282 -27.84 21.92 -4.11
N PRO A 283 -27.56 22.91 -4.97
CA PRO A 283 -26.48 22.89 -5.98
C PRO A 283 -25.09 22.50 -5.44
N ILE A 284 -24.40 21.63 -6.17
CA ILE A 284 -23.05 21.15 -5.81
C ILE A 284 -22.12 21.11 -7.08
N VAL A 285 -21.07 21.93 -7.05
CA VAL A 285 -20.11 22.03 -8.17
C VAL A 285 -18.99 20.98 -7.98
N ASP A 286 -18.65 20.71 -6.72
CA ASP A 286 -17.52 19.82 -6.38
C ASP A 286 -17.73 19.14 -5.01
N PHE A 287 -16.66 18.63 -4.43
CA PHE A 287 -16.75 17.83 -3.22
C PHE A 287 -16.01 18.35 -2.06
N SER A 288 -15.32 19.46 -2.18
CA SER A 288 -14.46 19.87 -1.06
C SER A 288 -15.40 20.44 0.05
N THR A 289 -16.64 20.68 -0.33
CA THR A 289 -17.73 21.14 0.52
C THR A 289 -18.36 20.08 1.52
N LEU A 290 -17.77 18.85 1.62
CA LEU A 290 -18.57 17.66 1.95
C LEU A 290 -17.78 16.47 2.44
N GLN A 291 -18.30 15.70 3.38
N GLN A 291 -18.30 15.69 3.37
CA GLN A 291 -17.65 14.46 3.67
CA GLN A 291 -17.65 14.43 3.70
C GLN A 291 -18.35 13.38 2.84
C GLN A 291 -18.35 13.35 2.87
N LEU A 292 -17.58 12.72 2.01
CA LEU A 292 -18.19 11.83 0.98
C LEU A 292 -17.64 10.42 1.04
N HIS A 293 -18.55 9.42 1.00
CA HIS A 293 -18.19 8.03 1.00
C HIS A 293 -18.83 7.40 -0.26
N LEU A 294 -18.00 6.84 -1.13
CA LEU A 294 -18.45 6.30 -2.41
C LEU A 294 -18.32 4.78 -2.28
N ILE A 295 -19.41 4.06 -2.50
CA ILE A 295 -19.44 2.60 -2.37
C ILE A 295 -20.07 2.00 -3.63
N SER A 296 -19.30 1.13 -4.26
CA SER A 296 -19.69 0.49 -5.53
C SER A 296 -19.31 -0.97 -5.61
N ARG A 297 -19.95 -1.71 -6.55
CA ARG A 297 -19.41 -3.00 -6.94
C ARG A 297 -18.84 -2.98 -8.33
N GLY A 298 -18.69 -1.80 -8.87
CA GLY A 298 -17.94 -1.59 -10.09
C GLY A 298 -16.94 -0.48 -9.96
N ASN A 299 -16.57 0.07 -11.10
CA ASN A 299 -15.48 1.07 -11.11
C ASN A 299 -15.98 2.43 -10.71
N ILE A 300 -15.08 3.24 -10.17
CA ILE A 300 -15.35 4.63 -9.83
C ILE A 300 -14.54 5.52 -10.70
N THR A 301 -15.21 6.45 -11.42
CA THR A 301 -14.59 7.30 -12.46
C THR A 301 -14.84 8.74 -12.13
N PHE A 302 -13.78 9.51 -12.31
CA PHE A 302 -13.78 10.96 -12.09
C PHE A 302 -13.62 11.52 -13.47
N VAL A 303 -14.62 12.31 -13.90
CA VAL A 303 -14.68 12.70 -15.32
C VAL A 303 -14.08 14.06 -15.66
N GLY A 304 -13.84 14.90 -14.68
CA GLY A 304 -13.13 16.18 -14.97
C GLY A 304 -11.72 16.17 -15.59
N GLY A 305 -11.38 17.23 -16.32
CA GLY A 305 -9.95 17.40 -16.77
C GLY A 305 -8.97 17.66 -15.63
N GLY A 306 -9.51 18.14 -14.51
CA GLY A 306 -8.70 18.66 -13.42
C GLY A 306 -8.71 17.79 -12.17
N LEU A 307 -7.97 18.23 -11.17
CA LEU A 307 -7.81 17.47 -9.94
C LEU A 307 -9.10 17.40 -9.25
N THR A 308 -9.43 16.23 -8.74
CA THR A 308 -10.59 16.09 -7.85
C THR A 308 -10.10 16.01 -6.46
N ILE A 309 -10.66 16.81 -5.57
CA ILE A 309 -10.31 16.74 -4.15
C ILE A 309 -11.49 16.23 -3.36
N ASN A 311 -12.87 14.43 0.64
CA ASN A 311 -12.71 14.04 2.04
C ASN A 311 -13.70 12.94 2.37
N GLY A 312 -13.24 11.80 2.85
CA GLY A 312 -14.05 10.64 3.02
C GLY A 312 -13.40 9.31 2.79
N SER A 313 -14.02 8.50 1.94
CA SER A 313 -13.48 7.19 1.65
C SER A 313 -14.15 6.61 0.42
N ILE A 314 -13.49 5.59 -0.11
CA ILE A 314 -13.92 4.80 -1.31
C ILE A 314 -13.88 3.33 -0.98
N ILE A 315 -15.02 2.63 -1.20
CA ILE A 315 -15.17 1.21 -0.90
C ILE A 315 -15.73 0.48 -2.08
N SER A 316 -14.99 -0.52 -2.56
CA SER A 316 -15.52 -1.37 -3.59
C SER A 316 -15.78 -2.73 -2.98
N LEU A 317 -16.92 -3.29 -3.33
CA LEU A 317 -17.36 -4.57 -2.80
C LEU A 317 -17.67 -5.50 -3.95
N GLY A 318 -17.12 -5.18 -5.12
CA GLY A 318 -17.15 -5.98 -6.32
C GLY A 318 -16.00 -6.95 -6.48
N SER A 319 -15.88 -7.56 -7.65
CA SER A 319 -14.84 -8.58 -7.83
C SER A 319 -13.53 -7.97 -8.14
N THR A 320 -13.52 -6.81 -8.75
CA THR A 320 -12.29 -6.08 -9.04
C THR A 320 -12.68 -4.60 -9.07
N PHE A 321 -11.68 -3.72 -9.04
CA PHE A 321 -11.97 -2.33 -8.84
C PHE A 321 -10.91 -1.46 -9.54
N ASN A 322 -11.34 -0.52 -10.36
CA ASN A 322 -10.47 0.48 -10.98
C ASN A 322 -10.94 1.84 -10.56
N ILE A 323 -10.00 2.69 -10.19
CA ILE A 323 -10.26 4.12 -9.98
C ILE A 323 -9.79 4.78 -11.25
N ASN A 324 -10.72 5.40 -12.00
CA ASN A 324 -10.37 5.91 -13.34
C ASN A 324 -10.56 7.42 -13.42
N ALA A 325 -9.79 8.06 -14.25
CA ALA A 325 -9.88 9.54 -14.49
C ALA A 325 -9.84 9.67 -15.96
N THR A 326 -10.97 10.05 -16.54
CA THR A 326 -11.12 10.03 -17.98
C THR A 326 -11.01 11.38 -18.69
N GLY A 327 -11.08 12.48 -17.93
CA GLY A 327 -10.82 13.81 -18.48
C GLY A 327 -9.40 13.96 -19.05
N ASN A 328 -8.45 13.14 -18.55
CA ASN A 328 -7.00 13.33 -18.72
C ASN A 328 -6.46 12.32 -17.73
N PRO A 329 -5.68 11.32 -18.18
CA PRO A 329 -5.33 10.28 -17.24
C PRO A 329 -4.54 10.82 -16.05
N TYR A 330 -3.95 12.02 -16.18
CA TYR A 330 -3.17 12.60 -15.12
C TYR A 330 -3.93 13.59 -14.22
N ALA A 331 -5.26 13.69 -14.38
CA ALA A 331 -6.04 14.70 -13.66
C ALA A 331 -5.73 14.66 -12.14
N GLY A 332 -5.69 13.44 -11.62
CA GLY A 332 -5.38 13.18 -10.22
C GLY A 332 -6.59 13.19 -9.26
N LEU A 333 -6.39 12.58 -8.11
CA LEU A 333 -7.39 12.52 -7.07
C LEU A 333 -6.62 12.74 -5.78
N THR A 334 -7.09 13.64 -4.93
CA THR A 334 -6.63 13.78 -3.58
C THR A 334 -7.73 13.31 -2.67
N LEU A 335 -7.42 12.35 -1.82
CA LEU A 335 -8.34 11.75 -0.87
C LEU A 335 -7.80 11.89 0.57
N LYS A 336 -8.49 12.70 1.36
N LYS A 336 -8.50 12.68 1.37
CA LYS A 336 -8.18 12.81 2.77
CA LYS A 336 -8.17 12.85 2.78
C LYS A 336 -9.18 11.94 3.49
C LYS A 336 -9.17 11.98 3.53
N TYR A 337 -8.67 10.91 4.12
CA TYR A 337 -9.57 10.00 4.84
C TYR A 337 -10.36 10.66 5.95
N GLN A 338 -11.65 10.32 6.05
CA GLN A 338 -12.44 10.68 7.23
C GLN A 338 -13.36 9.54 7.54
N PRO A 340 -16.68 7.73 8.57
CA PRO A 340 -18.08 8.18 8.55
C PRO A 340 -18.63 8.40 9.94
N SER A 341 -19.62 9.26 10.02
CA SER A 341 -20.34 9.52 11.28
C SER A 341 -21.10 8.23 11.66
N PRO A 342 -21.56 8.15 12.92
CA PRO A 342 -22.20 6.90 13.33
C PRO A 342 -23.48 6.51 12.53
N PRO A 343 -24.31 7.48 12.17
CA PRO A 343 -25.45 7.09 11.36
C PRO A 343 -25.05 6.59 10.00
N ILE A 344 -24.01 7.18 9.40
CA ILE A 344 -23.59 6.72 8.09
C ILE A 344 -22.90 5.35 8.19
N GLN A 345 -22.09 5.15 9.24
CA GLN A 345 -21.56 3.81 9.54
C GLN A 345 -22.64 2.77 9.66
N GLN A 346 -23.70 3.10 10.39
CA GLN A 346 -24.76 2.15 10.59
C GLN A 346 -25.47 1.84 9.23
N ASP A 347 -25.67 2.86 8.42
CA ASP A 347 -26.38 2.72 7.12
C ASP A 347 -25.60 1.79 6.22
N ILE A 348 -24.31 1.98 6.20
CA ILE A 348 -23.41 1.19 5.35
C ILE A 348 -23.39 -0.24 5.87
N GLU A 349 -23.18 -0.40 7.19
CA GLU A 349 -23.27 -1.73 7.82
C GLU A 349 -24.52 -2.46 7.49
N SER A 350 -25.65 -1.77 7.47
CA SER A 350 -26.93 -2.40 7.24
C SER A 350 -27.06 -2.85 5.81
N ASN A 351 -26.64 -1.99 4.90
CA ASN A 351 -26.80 -2.28 3.46
C ASN A 351 -25.81 -3.31 2.93
N THR A 352 -24.69 -3.49 3.61
CA THR A 352 -23.68 -4.46 3.18
C THR A 352 -23.57 -5.71 4.04
N GLY A 353 -23.85 -5.58 5.33
CA GLY A 353 -23.81 -6.67 6.25
C GLY A 353 -22.43 -7.06 6.72
N ILE A 354 -21.40 -6.27 6.42
CA ILE A 354 -20.07 -6.68 6.87
C ILE A 354 -20.02 -6.55 8.38
N GLN A 355 -19.51 -7.63 9.00
CA GLN A 355 -19.46 -7.83 10.44
C GLN A 355 -18.09 -8.42 10.69
N PRO A 356 -17.14 -7.57 11.10
CA PRO A 356 -15.82 -8.15 11.31
C PRO A 356 -15.77 -9.13 12.50
N SER A 357 -14.97 -10.19 12.37
CA SER A 357 -14.80 -11.21 13.40
C SER A 357 -14.12 -10.61 14.64
N GLN A 358 -14.69 -10.89 15.82
CA GLN A 358 -14.22 -10.33 17.10
C GLN A 358 -13.13 -11.24 17.72
#